data_6TQK
#
_entry.id   6TQK
#
_cell.length_a   1.00
_cell.length_b   1.00
_cell.length_c   1.00
_cell.angle_alpha   90.00
_cell.angle_beta   90.00
_cell.angle_gamma   90.00
#
_symmetry.space_group_name_H-M   'P 1'
#
loop_
_entity.id
_entity.type
_entity.pdbx_description
1 polymer Uromodulin
2 branched 2-acetamido-2-deoxy-beta-D-glucopyranose-(1-4)-2-acetamido-2-deoxy-beta-D-glucopyranose
3 branched beta-D-galactopyranose-(1-4)-2-acetamido-2-deoxy-beta-D-glucopyranose-(1-2)-[2-acetamido-2-deoxy-beta-D-glucopyranose-(1-4)]alpha-D-mannopyranose-(1-3)-[alpha-D-mannopyranose-(1-6)]beta-D-mannopyranose-(1-4)-2-acetamido-2-deoxy-beta-D-glucopyranose-(1-4)-2-acetamido-2-deoxy-beta-D-glucopyranose
4 non-polymer 2-acetamido-2-deoxy-beta-D-glucopyranose
#
_entity_poly.entity_id   1
_entity_poly.type   'polypeptide(L)'
_entity_poly.pdbx_seq_one_letter_code
;DTSEARWCSECHSNATCTEDEAVTTCTCQEGFTGDGLTCVDLDECAIPGAHNCSANSSCVNTPGSFSCVCPEGFRLSPGL
GCTDVDECAEPGLSHCHALATCVNVVGSYLCVCPAGYRGDGWHCECSPGSCGPGLDCVPEGDALVCADPCQAHRTLDEYW
RSTEYGEGYACDTDLRGWYRFVGQGGARMAETCVPVLRCNTAAPMWLNGTHPSSDEGIVSRKACAHWSGHCCLWDASVQV
KACAGGYYVYNLTAPPECHLAYCTDPSSVEGTCEECSIDEDCKSNNGRWHCQCKQDFNITDISLLEHRLECGANDMKVSL
GKCQLKSLGFDKVFMYLSDSRCSGFNDRDNRDWVSVVTPARDGPCGTVLTRNETHATYSNTLYLADEIIIRDLNIKINFA
CSYPLDMKVSLKTALQPMVSALNIRVGGTGMFTVRMALFQTPSYTQPYQGSSVTLSTEAFLYVGTMLDGGDLSRFALLMT
NCYATPSSNATDPLKYFIIQDRCPHTRDSTIQVVENGESSQGRFSVQMFRFAGNYDLVYLHCEVYLCDTMNEKCKPTCSG
TRF
;
_entity_poly.pdbx_strand_id   A,B,C
#
# COMPACT_ATOMS: atom_id res chain seq x y z
N SER A 268 -56.37 39.33 -3.49
CA SER A 268 -55.65 38.59 -4.51
C SER A 268 -54.53 39.44 -5.10
N VAL A 269 -53.70 40.02 -4.24
CA VAL A 269 -52.60 40.85 -4.71
C VAL A 269 -51.63 40.01 -5.54
N GLU A 270 -51.29 38.82 -5.06
CA GLU A 270 -50.47 37.87 -5.79
C GLU A 270 -51.35 36.75 -6.30
N GLY A 271 -51.20 36.43 -7.58
CA GLY A 271 -52.13 35.50 -8.21
C GLY A 271 -52.01 34.09 -7.69
N THR A 272 -50.80 33.63 -7.39
CA THR A 272 -50.56 32.24 -7.03
C THR A 272 -49.76 32.11 -5.73
N CYS A 273 -49.32 30.88 -5.44
CA CYS A 273 -48.75 30.50 -4.15
C CYS A 273 -47.27 30.87 -4.00
N GLU A 274 -46.53 31.07 -5.09
CA GLU A 274 -45.08 31.10 -5.00
C GLU A 274 -44.56 32.20 -4.08
N GLU A 275 -45.36 33.24 -3.81
CA GLU A 275 -44.89 34.34 -2.96
C GLU A 275 -44.58 33.87 -1.55
N CYS A 276 -45.38 32.96 -1.00
CA CYS A 276 -45.20 32.54 0.39
C CYS A 276 -44.21 31.37 0.47
N SER A 277 -43.69 31.16 1.68
CA SER A 277 -42.62 30.19 1.89
C SER A 277 -43.08 28.78 1.58
N ILE A 278 -42.12 27.95 1.15
CA ILE A 278 -42.43 26.55 0.84
C ILE A 278 -42.90 25.84 2.11
N ASP A 279 -42.23 26.09 3.23
CA ASP A 279 -42.63 25.49 4.49
C ASP A 279 -44.01 25.97 4.92
N GLU A 280 -44.30 27.25 4.69
CA GLU A 280 -45.59 27.84 5.04
C GLU A 280 -46.60 27.45 3.98
N ASP A 281 -47.50 26.53 4.33
CA ASP A 281 -48.47 26.04 3.36
C ASP A 281 -49.42 27.17 2.96
N CYS A 282 -49.77 27.22 1.67
CA CYS A 282 -50.60 28.27 1.12
C CYS A 282 -52.01 27.76 0.88
N LYS A 283 -52.98 28.41 1.51
CA LYS A 283 -54.40 28.08 1.35
C LYS A 283 -54.96 28.89 0.19
N SER A 284 -55.16 28.23 -0.95
CA SER A 284 -55.71 28.87 -2.14
C SER A 284 -57.21 28.56 -2.18
N ASN A 285 -58.03 29.59 -2.25
CA ASN A 285 -59.47 29.40 -2.28
C ASN A 285 -60.12 30.59 -2.98
N ASN A 286 -61.32 30.35 -3.51
CA ASN A 286 -62.09 31.42 -4.14
C ASN A 286 -62.64 32.32 -3.05
N GLY A 287 -62.31 33.60 -3.11
CA GLY A 287 -62.68 34.57 -2.10
C GLY A 287 -61.92 34.49 -0.80
N ARG A 288 -60.89 33.64 -0.71
CA ARG A 288 -60.08 33.50 0.50
C ARG A 288 -58.67 33.14 0.11
N TRP A 289 -57.69 33.86 0.64
CA TRP A 289 -56.29 33.58 0.34
C TRP A 289 -55.44 33.92 1.55
N HIS A 290 -54.52 33.00 1.90
CA HIS A 290 -53.53 33.20 2.93
C HIS A 290 -52.67 31.95 2.97
N CYS A 291 -51.55 32.02 3.68
CA CYS A 291 -50.71 30.86 3.93
C CYS A 291 -50.50 30.74 5.42
N GLN A 292 -50.67 29.52 5.93
CA GLN A 292 -50.67 29.24 7.36
C GLN A 292 -49.93 27.93 7.60
N CYS A 293 -49.44 27.78 8.83
CA CYS A 293 -48.69 26.59 9.19
C CYS A 293 -49.62 25.38 9.23
N LYS A 294 -49.05 24.22 9.57
CA LYS A 294 -49.78 22.95 9.58
C LYS A 294 -49.39 22.22 10.87
N GLN A 295 -49.79 20.95 10.96
CA GLN A 295 -49.42 20.13 12.11
C GLN A 295 -47.90 20.01 12.27
N ASP A 296 -47.14 20.24 11.19
CA ASP A 296 -45.69 20.08 11.28
C ASP A 296 -45.10 21.01 12.34
N PHE A 297 -45.52 22.27 12.35
CA PHE A 297 -45.10 23.26 13.33
C PHE A 297 -46.34 23.81 14.02
N ASN A 298 -46.84 23.09 15.01
CA ASN A 298 -48.15 23.36 15.59
C ASN A 298 -48.16 23.40 17.10
N ILE A 299 -47.38 22.54 17.77
CA ILE A 299 -47.54 22.29 19.19
C ILE A 299 -46.70 23.28 19.99
N THR A 300 -46.99 23.37 21.29
CA THR A 300 -46.36 24.33 22.19
C THR A 300 -45.14 23.74 22.90
N ASP A 301 -45.36 22.66 23.67
CA ASP A 301 -44.29 22.14 24.53
C ASP A 301 -43.10 21.66 23.71
N ILE A 302 -43.34 20.82 22.71
CA ILE A 302 -42.23 20.33 21.89
C ILE A 302 -41.60 21.49 21.13
N SER A 303 -42.41 22.48 20.73
CA SER A 303 -41.85 23.68 20.13
C SER A 303 -40.92 24.40 21.09
N LEU A 304 -41.29 24.48 22.36
CA LEU A 304 -40.36 24.96 23.37
C LEU A 304 -39.11 24.08 23.42
N LEU A 305 -39.27 22.79 23.15
CA LEU A 305 -38.12 21.90 23.01
C LEU A 305 -37.49 21.96 21.62
N GLU A 306 -38.12 22.64 20.67
CA GLU A 306 -37.63 22.66 19.30
C GLU A 306 -36.56 23.74 19.14
N HIS A 307 -35.52 23.40 18.38
CA HIS A 307 -34.45 24.33 18.05
C HIS A 307 -33.48 23.60 17.12
N ARG A 308 -32.49 24.35 16.63
CA ARG A 308 -31.40 23.78 15.88
C ARG A 308 -30.19 24.69 16.03
N LEU A 309 -29.01 24.09 15.91
CA LEU A 309 -27.75 24.79 16.14
C LEU A 309 -26.79 24.49 15.01
N GLU A 310 -25.89 25.43 14.75
CA GLU A 310 -24.87 25.27 13.71
C GLU A 310 -23.58 25.91 14.21
N CYS A 311 -22.52 25.10 14.30
CA CYS A 311 -21.20 25.57 14.71
C CYS A 311 -20.36 25.80 13.45
N GLY A 312 -19.96 27.04 13.22
CA GLY A 312 -19.17 27.40 12.07
C GLY A 312 -17.69 27.51 12.40
N ALA A 313 -16.88 27.63 11.35
CA ALA A 313 -15.44 27.75 11.53
C ALA A 313 -15.08 29.00 12.31
N ASN A 314 -15.72 30.13 12.00
CA ASN A 314 -15.46 31.41 12.65
C ASN A 314 -16.68 32.00 13.32
N ASP A 315 -17.86 31.38 13.19
CA ASP A 315 -19.08 31.93 13.75
C ASP A 315 -19.97 30.80 14.23
N MET A 316 -20.83 31.14 15.18
CA MET A 316 -21.81 30.22 15.74
C MET A 316 -23.20 30.80 15.54
N LYS A 317 -24.14 29.95 15.15
CA LYS A 317 -25.49 30.38 14.82
C LYS A 317 -26.50 29.54 15.58
N VAL A 318 -27.53 30.18 16.10
CA VAL A 318 -28.69 29.52 16.67
C VAL A 318 -29.94 30.14 16.04
N SER A 319 -30.93 29.31 15.74
CA SER A 319 -32.10 29.77 15.04
C SER A 319 -33.33 29.00 15.50
N LEU A 320 -34.48 29.63 15.39
CA LEU A 320 -35.77 29.01 15.70
C LEU A 320 -36.75 29.29 14.57
N GLY A 321 -37.71 28.39 14.41
CA GLY A 321 -38.69 28.53 13.35
C GLY A 321 -39.64 29.69 13.64
N LYS A 322 -39.75 30.63 12.70
CA LYS A 322 -40.64 31.77 12.90
C LYS A 322 -42.08 31.32 13.09
N CYS A 323 -42.49 30.27 12.37
CA CYS A 323 -43.84 29.74 12.56
C CYS A 323 -44.04 29.24 13.98
N GLN A 324 -43.03 28.56 14.53
CA GLN A 324 -43.14 28.08 15.91
C GLN A 324 -43.31 29.25 16.87
N LEU A 325 -42.52 30.31 16.69
CA LEU A 325 -42.63 31.48 17.54
C LEU A 325 -44.01 32.11 17.43
N LYS A 326 -44.54 32.24 16.21
CA LYS A 326 -45.88 32.78 16.04
C LYS A 326 -46.93 31.91 16.74
N SER A 327 -46.78 30.60 16.63
CA SER A 327 -47.72 29.69 17.28
C SER A 327 -47.62 29.77 18.80
N LEU A 328 -46.44 30.07 19.33
CA LEU A 328 -46.26 30.22 20.76
C LEU A 328 -46.75 31.57 21.29
N GLY A 329 -47.37 32.38 20.45
CA GLY A 329 -47.89 33.67 20.86
C GLY A 329 -46.92 34.82 20.73
N PHE A 330 -45.66 34.55 20.36
CA PHE A 330 -44.67 35.60 20.20
C PHE A 330 -44.77 36.15 18.78
N ASP A 331 -45.76 37.02 18.58
CA ASP A 331 -45.91 37.67 17.28
C ASP A 331 -44.67 38.47 16.92
N LYS A 332 -44.12 39.19 17.89
CA LYS A 332 -42.81 39.83 17.76
C LYS A 332 -41.79 39.03 18.57
N VAL A 333 -40.63 38.79 17.97
CA VAL A 333 -39.60 37.94 18.55
C VAL A 333 -38.42 38.82 18.93
N PHE A 334 -38.00 38.72 20.19
CA PHE A 334 -36.86 39.46 20.71
C PHE A 334 -35.79 38.46 21.15
N MET A 335 -34.68 38.42 20.43
CA MET A 335 -33.56 37.55 20.72
C MET A 335 -32.39 38.39 21.18
N TYR A 336 -31.90 38.11 22.39
CA TYR A 336 -30.78 38.82 22.98
C TYR A 336 -29.79 37.82 23.55
N LEU A 337 -28.55 38.25 23.67
CA LEU A 337 -27.47 37.44 24.21
C LEU A 337 -26.93 38.10 25.48
N SER A 338 -25.83 37.55 26.00
CA SER A 338 -25.22 38.14 27.19
C SER A 338 -24.80 39.58 26.98
N ASP A 339 -24.58 39.99 25.72
CA ASP A 339 -24.33 41.38 25.36
C ASP A 339 -25.44 41.84 24.44
N SER A 340 -26.13 42.92 24.82
CA SER A 340 -27.31 43.36 24.09
C SER A 340 -26.98 43.94 22.71
N ARG A 341 -25.71 44.28 22.46
CA ARG A 341 -25.37 44.80 21.14
C ARG A 341 -25.65 43.77 20.05
N CYS A 342 -25.62 42.48 20.40
CA CYS A 342 -26.01 41.43 19.47
C CYS A 342 -27.53 41.30 19.48
N SER A 343 -28.14 41.33 18.29
CA SER A 343 -29.58 41.27 18.15
C SER A 343 -29.96 40.28 17.06
N GLY A 344 -31.10 39.62 17.24
CA GLY A 344 -31.57 38.66 16.27
C GLY A 344 -32.08 39.33 15.01
N PHE A 345 -32.17 38.53 13.94
CA PHE A 345 -32.66 39.03 12.66
C PHE A 345 -33.05 37.83 11.80
N ASN A 346 -33.70 38.12 10.68
CA ASN A 346 -34.23 37.08 9.81
C ASN A 346 -33.10 36.27 9.18
N ASP A 347 -33.41 35.02 8.83
CA ASP A 347 -32.40 34.11 8.30
C ASP A 347 -31.85 34.62 6.97
N ARG A 348 -32.72 35.07 6.08
CA ARG A 348 -32.35 35.64 4.78
C ARG A 348 -31.72 34.62 3.83
N ASP A 349 -31.66 33.35 4.25
CA ASP A 349 -31.29 32.24 3.38
C ASP A 349 -32.44 31.27 3.17
N ASN A 350 -33.01 30.76 4.25
CA ASN A 350 -34.28 30.04 4.23
C ASN A 350 -35.21 30.79 5.17
N ARG A 351 -36.26 31.40 4.62
CA ARG A 351 -37.04 32.39 5.34
C ARG A 351 -37.77 31.83 6.56
N ASP A 352 -37.88 30.51 6.67
CA ASP A 352 -38.59 29.93 7.82
C ASP A 352 -37.89 30.28 9.14
N TRP A 353 -36.56 30.23 9.16
CA TRP A 353 -35.82 30.43 10.40
C TRP A 353 -35.61 31.92 10.69
N VAL A 354 -35.34 32.21 11.96
CA VAL A 354 -34.80 33.48 12.40
C VAL A 354 -33.59 33.16 13.26
N SER A 355 -32.47 33.85 13.02
CA SER A 355 -31.19 33.43 13.57
C SER A 355 -30.34 34.65 13.91
N VAL A 356 -29.34 34.41 14.75
CA VAL A 356 -28.37 35.42 15.16
C VAL A 356 -26.98 34.80 15.05
N VAL A 357 -25.97 35.67 14.96
CA VAL A 357 -24.59 35.27 14.74
C VAL A 357 -23.74 35.76 15.90
N THR A 358 -22.66 35.02 16.18
CA THR A 358 -21.69 35.39 17.20
C THR A 358 -20.29 35.05 16.71
N PRO A 359 -19.35 36.01 16.64
CA PRO A 359 -17.98 35.64 16.29
C PRO A 359 -17.40 34.68 17.32
N ALA A 360 -16.61 33.71 16.84
CA ALA A 360 -16.08 32.65 17.69
C ALA A 360 -14.77 33.11 18.32
N ARG A 361 -14.91 34.09 19.23
CA ARG A 361 -13.78 34.60 19.99
C ARG A 361 -14.25 34.96 21.39
N ASP A 362 -13.30 35.38 22.23
CA ASP A 362 -13.57 35.78 23.60
C ASP A 362 -13.51 37.30 23.72
N GLY A 363 -14.58 37.89 24.23
CA GLY A 363 -14.66 39.32 24.41
C GLY A 363 -15.79 40.00 23.65
N PRO A 364 -16.00 39.64 22.39
CA PRO A 364 -17.11 40.23 21.65
C PRO A 364 -18.40 39.45 21.82
N CYS A 365 -19.50 40.19 22.01
CA CYS A 365 -20.83 39.61 22.18
C CYS A 365 -20.93 38.82 23.48
N GLY A 366 -19.99 39.02 24.41
CA GLY A 366 -20.03 38.40 25.71
C GLY A 366 -19.59 36.95 25.77
N THR A 367 -19.08 36.41 24.67
CA THR A 367 -18.68 35.02 24.64
C THR A 367 -17.42 34.78 25.47
N VAL A 368 -17.33 33.59 26.04
CA VAL A 368 -16.20 33.20 26.88
C VAL A 368 -15.50 32.03 26.23
N LEU A 369 -14.33 31.68 26.78
CA LEU A 369 -13.50 30.60 26.28
C LEU A 369 -13.30 29.59 27.40
N THR A 370 -13.88 28.41 27.25
CA THR A 370 -13.67 27.29 28.16
C THR A 370 -12.69 26.32 27.50
N ARG A 371 -11.54 26.11 28.14
CA ARG A 371 -10.44 25.36 27.55
C ARG A 371 -10.02 24.24 28.49
N ASN A 372 -9.73 23.08 27.91
CA ASN A 372 -9.05 22.01 28.62
C ASN A 372 -8.04 21.36 27.68
N GLU A 373 -7.33 20.36 28.20
CA GLU A 373 -6.22 19.78 27.45
C GLU A 373 -6.68 19.16 26.14
N THR A 374 -7.84 18.49 26.15
CA THR A 374 -8.30 17.81 24.94
C THR A 374 -8.64 18.80 23.84
N HIS A 375 -9.61 19.68 24.11
CA HIS A 375 -10.01 20.65 23.10
C HIS A 375 -10.81 21.77 23.74
N ALA A 376 -10.76 22.94 23.11
CA ALA A 376 -11.41 24.14 23.60
C ALA A 376 -12.92 24.07 23.38
N THR A 377 -13.63 25.00 24.01
CA THR A 377 -15.08 25.09 23.89
C THR A 377 -15.48 26.54 24.08
N TYR A 378 -16.53 26.95 23.39
CA TYR A 378 -17.10 28.30 23.51
C TYR A 378 -18.52 28.19 24.00
N SER A 379 -18.86 29.02 24.97
CA SER A 379 -20.18 29.00 25.61
C SER A 379 -20.75 30.40 25.60
N ASN A 380 -22.05 30.49 25.30
CA ASN A 380 -22.76 31.76 25.38
C ASN A 380 -24.24 31.45 25.51
N THR A 381 -24.99 32.45 25.96
CA THR A 381 -26.39 32.29 26.31
C THR A 381 -27.26 33.11 25.37
N LEU A 382 -28.42 32.56 25.04
CA LEU A 382 -29.42 33.23 24.22
C LEU A 382 -30.64 33.52 25.08
N TYR A 383 -31.13 34.75 25.01
CA TYR A 383 -32.30 35.18 25.77
C TYR A 383 -33.47 35.38 24.81
N LEU A 384 -34.63 34.86 25.20
CA LEU A 384 -35.84 34.92 24.37
C LEU A 384 -36.94 35.63 25.13
N ALA A 385 -37.69 36.46 24.42
CA ALA A 385 -38.83 37.15 25.02
C ALA A 385 -39.74 37.65 23.91
N ASP A 386 -40.98 37.97 24.29
CA ASP A 386 -41.95 38.54 23.38
C ASP A 386 -41.84 40.06 23.28
N GLU A 387 -41.32 40.70 24.34
CA GLU A 387 -41.22 42.15 24.38
C GLU A 387 -39.98 42.50 25.19
N ILE A 388 -39.78 43.80 25.43
CA ILE A 388 -38.62 44.23 26.22
C ILE A 388 -38.68 43.65 27.61
N ILE A 389 -39.84 43.69 28.23
CA ILE A 389 -40.01 43.21 29.60
C ILE A 389 -40.42 41.74 29.56
N ILE A 390 -40.15 41.05 30.66
CA ILE A 390 -40.54 39.66 30.85
C ILE A 390 -41.45 39.60 32.07
N ARG A 391 -42.61 38.96 31.92
CA ARG A 391 -43.63 38.91 32.96
C ARG A 391 -43.74 37.56 33.65
N ASP A 392 -43.85 36.48 32.89
CA ASP A 392 -44.14 35.16 33.44
C ASP A 392 -42.94 34.23 33.38
N LEU A 393 -42.40 33.99 32.18
CA LEU A 393 -41.32 33.04 31.98
C LEU A 393 -40.16 33.72 31.29
N ASN A 394 -38.94 33.42 31.76
CA ASN A 394 -37.71 33.94 31.20
C ASN A 394 -36.85 32.74 30.80
N ILE A 395 -37.00 32.30 29.55
CA ILE A 395 -36.25 31.16 29.04
C ILE A 395 -34.97 31.68 28.40
N LYS A 396 -33.83 31.24 28.92
CA LYS A 396 -32.53 31.55 28.36
C LYS A 396 -31.92 30.26 27.84
N ILE A 397 -31.54 30.25 26.56
CA ILE A 397 -31.00 29.07 25.92
C ILE A 397 -29.49 29.10 26.09
N ASN A 398 -28.96 28.15 26.85
CA ASN A 398 -27.52 28.00 27.04
C ASN A 398 -27.00 27.02 26.00
N PHE A 399 -26.16 27.51 25.10
CA PHE A 399 -25.59 26.70 24.02
C PHE A 399 -24.08 26.87 24.02
N ALA A 400 -23.40 25.89 23.46
CA ALA A 400 -21.95 25.91 23.38
C ALA A 400 -21.50 25.06 22.20
N CYS A 401 -20.41 25.48 21.57
CA CYS A 401 -19.78 24.74 20.49
C CYS A 401 -18.42 24.24 20.93
N SER A 402 -18.10 23.00 20.56
CA SER A 402 -16.82 22.39 20.89
C SER A 402 -16.00 22.32 19.62
N TYR A 403 -14.81 22.95 19.64
CA TYR A 403 -13.91 22.94 18.51
C TYR A 403 -12.71 22.07 18.82
N PRO A 404 -12.48 20.97 18.11
CA PRO A 404 -11.33 20.13 18.43
C PRO A 404 -10.02 20.90 18.30
N LEU A 405 -9.10 20.61 19.21
CA LEU A 405 -7.79 21.27 19.24
C LEU A 405 -6.72 20.48 18.51
N ASP A 406 -6.97 19.19 18.23
CA ASP A 406 -6.08 18.36 17.44
C ASP A 406 -6.91 17.76 16.30
N MET A 407 -6.39 17.87 15.07
CA MET A 407 -7.12 17.40 13.91
C MET A 407 -6.14 16.97 12.84
N LYS A 408 -6.62 16.14 11.91
CA LYS A 408 -5.82 15.65 10.82
C LYS A 408 -5.95 16.59 9.63
N VAL A 409 -4.82 16.91 9.01
CA VAL A 409 -4.77 17.74 7.82
C VAL A 409 -3.92 17.03 6.78
N SER A 410 -4.38 17.06 5.52
CA SER A 410 -3.70 16.38 4.44
C SER A 410 -3.50 17.35 3.28
N LEU A 411 -2.28 17.39 2.76
CA LEU A 411 -1.99 18.18 1.56
C LEU A 411 -2.54 17.45 0.34
N LYS A 412 -3.42 18.11 -0.40
CA LYS A 412 -4.14 17.45 -1.48
C LYS A 412 -3.24 17.19 -2.69
N THR A 413 -2.40 18.16 -3.04
CA THR A 413 -1.60 18.08 -4.26
C THR A 413 -0.44 17.12 -4.04
N ALA A 414 -0.45 15.99 -4.75
CA ALA A 414 0.64 15.04 -4.68
C ALA A 414 1.83 15.54 -5.51
N LEU A 415 2.95 14.84 -5.38
CA LEU A 415 4.20 15.21 -6.03
C LEU A 415 4.72 14.05 -6.86
N GLN A 416 5.44 14.39 -7.93
CA GLN A 416 6.00 13.41 -8.85
C GLN A 416 7.46 13.76 -9.10
N PRO A 417 8.35 13.44 -8.16
CA PRO A 417 9.75 13.84 -8.31
C PRO A 417 10.45 13.08 -9.43
N MET A 418 11.52 13.69 -9.92
CA MET A 418 12.36 13.12 -10.96
C MET A 418 13.72 12.78 -10.40
N VAL A 419 14.24 11.61 -10.77
CA VAL A 419 15.54 11.13 -10.31
C VAL A 419 16.28 10.51 -11.48
N SER A 420 17.61 10.66 -11.47
CA SER A 420 18.46 10.05 -12.49
C SER A 420 18.80 8.63 -12.06
N ALA A 421 18.20 7.66 -12.73
CA ALA A 421 18.34 6.25 -12.38
C ALA A 421 19.25 5.56 -13.39
N LEU A 422 20.01 4.59 -12.88
CA LEU A 422 20.88 3.76 -13.70
C LEU A 422 20.25 2.37 -13.84
N ASN A 423 20.11 1.91 -15.08
CA ASN A 423 19.55 0.60 -15.37
C ASN A 423 20.63 -0.28 -15.99
N ILE A 424 20.84 -1.44 -15.40
CA ILE A 424 21.79 -2.43 -15.91
C ILE A 424 21.06 -3.75 -16.06
N ARG A 425 21.15 -4.36 -17.24
CA ARG A 425 20.44 -5.58 -17.52
C ARG A 425 21.23 -6.78 -17.01
N VAL A 426 20.51 -7.75 -16.44
CA VAL A 426 21.11 -8.99 -15.97
C VAL A 426 20.20 -10.14 -16.35
N GLY A 427 20.80 -11.23 -16.81
CA GLY A 427 20.04 -12.40 -17.22
C GLY A 427 20.67 -13.66 -16.65
N GLY A 428 19.82 -14.63 -16.36
CA GLY A 428 20.26 -15.87 -15.77
C GLY A 428 19.57 -17.08 -16.36
N THR A 429 20.36 -18.03 -16.86
CA THR A 429 19.80 -19.25 -17.40
C THR A 429 19.43 -20.20 -16.27
N GLY A 430 18.22 -20.74 -16.32
CA GLY A 430 17.72 -21.59 -15.26
C GLY A 430 17.24 -22.93 -15.79
N MET A 431 16.60 -23.71 -14.92
CA MET A 431 16.15 -25.05 -15.31
C MET A 431 15.13 -25.52 -14.29
N PHE A 432 13.96 -25.91 -14.76
CA PHE A 432 12.99 -26.56 -13.88
C PHE A 432 13.48 -27.96 -13.51
N THR A 433 12.80 -28.56 -12.54
CA THR A 433 13.07 -29.91 -12.09
C THR A 433 11.94 -30.81 -12.55
N VAL A 434 12.29 -31.91 -13.21
CA VAL A 434 11.31 -32.86 -13.71
C VAL A 434 11.81 -34.26 -13.43
N ARG A 435 10.91 -35.14 -13.03
CA ARG A 435 11.25 -36.52 -12.73
C ARG A 435 10.03 -37.38 -12.99
N MET A 436 10.28 -38.68 -13.19
CA MET A 436 9.22 -39.65 -13.38
C MET A 436 9.49 -40.84 -12.48
N ALA A 437 8.42 -41.56 -12.14
CA ALA A 437 8.49 -42.66 -11.20
C ALA A 437 7.79 -43.88 -11.78
N LEU A 438 8.27 -45.05 -11.37
CA LEU A 438 7.67 -46.32 -11.76
C LEU A 438 6.87 -46.84 -10.58
N PHE A 439 5.55 -46.82 -10.71
CA PHE A 439 4.66 -47.37 -9.70
C PHE A 439 4.34 -48.82 -10.01
N GLN A 440 4.00 -49.57 -8.96
CA GLN A 440 3.63 -50.98 -9.11
C GLN A 440 2.13 -51.15 -9.31
N THR A 441 1.34 -50.49 -8.46
CA THR A 441 -0.10 -50.69 -8.45
C THR A 441 -0.79 -49.85 -9.53
N PRO A 442 -2.01 -50.23 -9.93
CA PRO A 442 -2.80 -49.33 -10.78
C PRO A 442 -3.19 -48.03 -10.10
N SER A 443 -3.07 -47.97 -8.77
CA SER A 443 -3.38 -46.76 -8.02
C SER A 443 -2.22 -45.78 -7.92
N TYR A 444 -1.03 -46.14 -8.44
CA TYR A 444 0.12 -45.26 -8.49
C TYR A 444 0.52 -44.80 -7.09
N THR A 445 0.97 -45.78 -6.29
CA THR A 445 1.18 -45.58 -4.86
C THR A 445 2.66 -45.55 -4.47
N GLN A 446 3.42 -46.60 -4.75
CA GLN A 446 4.80 -46.68 -4.27
C GLN A 446 5.78 -46.56 -5.44
N PRO A 447 6.67 -45.57 -5.45
CA PRO A 447 7.77 -45.59 -6.41
C PRO A 447 8.82 -46.63 -6.03
N TYR A 448 9.59 -47.03 -7.04
CA TYR A 448 10.76 -47.86 -6.80
C TYR A 448 11.94 -46.99 -6.34
N GLN A 449 12.96 -47.65 -5.81
CA GLN A 449 14.20 -46.99 -5.42
C GLN A 449 15.45 -47.69 -5.91
N GLY A 450 15.39 -48.97 -6.25
CA GLY A 450 16.56 -49.67 -6.74
C GLY A 450 16.98 -49.20 -8.12
N SER A 451 18.27 -49.38 -8.41
CA SER A 451 18.80 -49.00 -9.71
C SER A 451 18.26 -49.87 -10.83
N SER A 452 17.71 -51.03 -10.52
CA SER A 452 17.18 -51.94 -11.53
C SER A 452 16.03 -52.74 -10.92
N VAL A 453 15.18 -53.26 -11.80
CA VAL A 453 14.04 -54.07 -11.40
C VAL A 453 13.94 -55.27 -12.35
N THR A 454 13.19 -56.27 -11.90
CA THR A 454 12.91 -57.46 -12.69
C THR A 454 11.40 -57.62 -12.83
N LEU A 455 10.95 -58.03 -14.00
CA LEU A 455 9.53 -58.12 -14.29
C LEU A 455 9.28 -59.21 -15.33
N SER A 456 8.02 -59.57 -15.47
CA SER A 456 7.55 -60.52 -16.47
C SER A 456 6.70 -59.80 -17.51
N THR A 457 6.51 -60.45 -18.65
CA THR A 457 5.74 -59.85 -19.74
C THR A 457 4.31 -59.56 -19.31
N GLU A 458 3.67 -60.50 -18.63
CA GLU A 458 2.28 -60.33 -18.22
C GLU A 458 2.11 -59.19 -17.23
N ALA A 459 3.18 -58.80 -16.52
CA ALA A 459 3.08 -57.73 -15.56
C ALA A 459 2.80 -56.41 -16.27
N PHE A 460 1.96 -55.59 -15.66
CA PHE A 460 1.60 -54.29 -16.21
C PHE A 460 2.53 -53.22 -15.65
N LEU A 461 3.14 -52.45 -16.54
CA LEU A 461 4.11 -51.42 -16.17
C LEU A 461 3.39 -50.09 -16.11
N TYR A 462 3.09 -49.64 -14.89
CA TYR A 462 2.44 -48.36 -14.65
C TYR A 462 3.49 -47.32 -14.30
N VAL A 463 3.49 -46.21 -15.04
CA VAL A 463 4.48 -45.16 -14.86
C VAL A 463 3.78 -43.81 -14.82
N GLY A 464 4.38 -42.89 -14.07
CA GLY A 464 3.85 -41.54 -13.97
C GLY A 464 4.97 -40.53 -13.93
N THR A 465 4.62 -39.30 -14.29
CA THR A 465 5.55 -38.19 -14.32
C THR A 465 5.08 -37.11 -13.36
N MET A 466 6.04 -36.37 -12.80
CA MET A 466 5.75 -35.36 -11.79
C MET A 466 6.71 -34.20 -11.96
N LEU A 467 6.30 -33.04 -11.45
CA LEU A 467 7.16 -31.88 -11.30
C LEU A 467 7.50 -31.75 -9.82
N ASP A 468 8.77 -31.93 -9.49
CA ASP A 468 9.20 -31.74 -8.11
C ASP A 468 9.25 -30.27 -7.71
N GLY A 469 9.08 -29.36 -8.66
CA GLY A 469 9.05 -27.94 -8.35
C GLY A 469 8.31 -27.18 -9.43
N GLY A 470 7.98 -25.94 -9.11
CA GLY A 470 7.26 -25.09 -10.05
C GLY A 470 5.88 -25.62 -10.38
N ASP A 471 5.14 -26.07 -9.38
CA ASP A 471 3.83 -26.67 -9.59
C ASP A 471 2.76 -25.59 -9.81
N LEU A 472 2.97 -24.80 -10.85
CA LEU A 472 2.00 -23.77 -11.20
C LEU A 472 0.70 -24.41 -11.67
N SER A 473 -0.41 -23.82 -11.25
CA SER A 473 -1.72 -24.37 -11.60
C SER A 473 -1.97 -24.28 -13.10
N ARG A 474 -1.43 -23.27 -13.76
CA ARG A 474 -1.70 -23.04 -15.18
C ARG A 474 -0.72 -23.75 -16.10
N PHE A 475 0.36 -24.32 -15.57
CA PHE A 475 1.27 -25.14 -16.36
C PHE A 475 0.83 -26.59 -16.26
N ALA A 476 0.44 -27.16 -17.39
CA ALA A 476 -0.01 -28.54 -17.49
C ALA A 476 1.06 -29.38 -18.16
N LEU A 477 1.00 -30.68 -17.89
CA LEU A 477 1.99 -31.64 -18.37
C LEU A 477 1.43 -32.35 -19.60
N LEU A 478 2.11 -32.19 -20.74
CA LEU A 478 1.66 -32.76 -22.01
C LEU A 478 2.78 -33.63 -22.57
N MET A 479 2.48 -34.90 -22.79
CA MET A 479 3.44 -35.87 -23.31
C MET A 479 3.54 -35.69 -24.82
N THR A 480 4.52 -34.89 -25.25
CA THR A 480 4.69 -34.68 -26.70
C THR A 480 5.09 -35.97 -27.39
N ASN A 481 5.94 -36.78 -26.74
CA ASN A 481 6.27 -38.11 -27.23
C ASN A 481 7.06 -38.84 -26.14
N CYS A 482 6.82 -40.15 -26.04
CA CYS A 482 7.55 -41.02 -25.12
C CYS A 482 8.05 -42.22 -25.90
N TYR A 483 9.20 -42.76 -25.48
CA TYR A 483 9.76 -43.91 -26.18
C TYR A 483 10.66 -44.69 -25.23
N ALA A 484 10.89 -45.95 -25.59
CA ALA A 484 11.78 -46.85 -24.87
C ALA A 484 13.06 -47.04 -25.67
N THR A 485 14.15 -47.33 -24.96
CA THR A 485 15.46 -47.49 -25.59
C THR A 485 16.19 -48.65 -24.93
N PRO A 486 16.92 -49.47 -25.68
CA PRO A 486 17.66 -50.58 -25.05
C PRO A 486 18.76 -50.12 -24.11
N SER A 487 19.24 -48.88 -24.26
CA SER A 487 20.38 -48.37 -23.51
C SER A 487 20.02 -47.01 -22.93
N SER A 488 20.81 -46.59 -21.94
CA SER A 488 20.56 -45.31 -21.28
C SER A 488 20.67 -44.14 -22.26
N ASN A 489 21.52 -44.27 -23.27
CA ASN A 489 21.73 -43.18 -24.22
C ASN A 489 20.46 -42.94 -25.02
N ALA A 490 19.90 -41.74 -24.89
CA ALA A 490 18.64 -41.43 -25.55
C ALA A 490 18.79 -41.44 -27.06
N THR A 491 19.90 -40.91 -27.59
CA THR A 491 20.11 -40.83 -29.03
C THR A 491 20.53 -42.20 -29.54
N ASP A 492 19.52 -43.06 -29.73
CA ASP A 492 19.72 -44.40 -30.26
C ASP A 492 18.71 -44.61 -31.38
N PRO A 493 19.12 -45.14 -32.53
CA PRO A 493 18.15 -45.32 -33.63
C PRO A 493 17.00 -46.24 -33.28
N LEU A 494 17.22 -47.22 -32.41
CA LEU A 494 16.21 -48.23 -32.10
C LEU A 494 15.28 -47.68 -31.03
N LYS A 495 14.20 -47.05 -31.48
CA LYS A 495 13.21 -46.45 -30.60
C LYS A 495 11.85 -47.09 -30.83
N TYR A 496 11.16 -47.37 -29.75
CA TYR A 496 9.81 -47.92 -29.79
C TYR A 496 8.89 -46.86 -29.19
N PHE A 497 8.38 -45.97 -30.04
CA PHE A 497 7.51 -44.90 -29.58
C PHE A 497 6.26 -45.48 -28.94
N ILE A 498 6.03 -45.12 -27.68
CA ILE A 498 4.86 -45.57 -26.94
C ILE A 498 3.80 -44.49 -27.04
N ILE A 499 4.24 -43.24 -27.11
CA ILE A 499 3.36 -42.10 -27.34
C ILE A 499 3.96 -41.30 -28.49
N GLN A 500 3.17 -41.09 -29.54
CA GLN A 500 3.63 -40.48 -30.78
C GLN A 500 2.91 -39.15 -30.97
N ASP A 501 3.67 -38.06 -30.87
CA ASP A 501 3.18 -36.71 -31.15
C ASP A 501 1.86 -36.44 -30.43
N ARG A 502 1.92 -36.46 -29.10
CA ARG A 502 0.83 -36.08 -28.21
C ARG A 502 -0.29 -37.10 -28.13
N CYS A 503 -0.14 -38.26 -28.77
CA CYS A 503 -1.17 -39.29 -28.73
C CYS A 503 -0.55 -40.66 -28.56
N PRO A 504 -1.25 -41.59 -27.92
CA PRO A 504 -0.70 -42.94 -27.74
C PRO A 504 -0.64 -43.69 -29.06
N HIS A 505 0.30 -44.63 -29.13
CA HIS A 505 0.42 -45.46 -30.32
C HIS A 505 -0.76 -46.42 -30.40
N THR A 506 -1.37 -46.49 -31.59
CA THR A 506 -2.51 -47.38 -31.80
C THR A 506 -2.00 -48.79 -32.09
N ARG A 507 -2.91 -49.67 -32.50
CA ARG A 507 -2.60 -51.07 -32.81
C ARG A 507 -2.02 -51.80 -31.60
N ASP A 508 -2.26 -51.28 -30.39
CA ASP A 508 -1.80 -51.94 -29.16
C ASP A 508 -2.79 -51.56 -28.07
N SER A 509 -3.75 -52.46 -27.81
CA SER A 509 -4.80 -52.18 -26.82
C SER A 509 -4.24 -51.94 -25.43
N THR A 510 -3.06 -52.50 -25.12
CA THR A 510 -2.50 -52.39 -23.79
C THR A 510 -2.01 -50.99 -23.45
N ILE A 511 -1.97 -50.09 -24.43
CA ILE A 511 -1.51 -48.73 -24.20
C ILE A 511 -2.72 -47.88 -23.84
N GLN A 512 -2.79 -47.45 -22.58
CA GLN A 512 -3.86 -46.58 -22.11
C GLN A 512 -3.28 -45.55 -21.18
N VAL A 513 -3.69 -44.30 -21.36
CA VAL A 513 -3.26 -43.18 -20.53
C VAL A 513 -4.49 -42.60 -19.85
N VAL A 514 -4.49 -42.60 -18.52
CA VAL A 514 -5.64 -42.11 -17.78
C VAL A 514 -5.69 -40.58 -17.81
N GLU A 515 -4.55 -39.91 -17.64
CA GLU A 515 -4.51 -38.47 -17.57
C GLU A 515 -3.29 -37.94 -18.33
N ASN A 516 -3.49 -36.86 -19.07
CA ASN A 516 -2.41 -36.20 -19.79
C ASN A 516 -2.87 -34.80 -20.15
N GLY A 517 -2.20 -33.79 -19.63
CA GLY A 517 -2.58 -32.41 -19.85
C GLY A 517 -3.57 -31.87 -18.85
N GLU A 518 -4.25 -32.73 -18.09
CA GLU A 518 -5.19 -32.26 -17.08
C GLU A 518 -4.47 -31.52 -15.95
N SER A 519 -3.35 -32.06 -15.49
CA SER A 519 -2.64 -31.50 -14.35
C SER A 519 -1.18 -31.95 -14.40
N SER A 520 -0.45 -31.69 -13.31
CA SER A 520 0.95 -32.05 -13.21
C SER A 520 1.20 -33.55 -13.15
N GLN A 521 0.16 -34.35 -12.91
CA GLN A 521 0.31 -35.80 -12.74
C GLN A 521 -0.04 -36.46 -14.06
N GLY A 522 0.98 -36.83 -14.83
CA GLY A 522 0.79 -37.54 -16.07
C GLY A 522 1.20 -39.00 -15.95
N ARG A 523 0.25 -39.89 -16.20
CA ARG A 523 0.46 -41.33 -16.03
C ARG A 523 0.10 -42.03 -17.33
N PHE A 524 0.98 -42.95 -17.77
CA PHE A 524 0.70 -43.82 -18.90
C PHE A 524 0.88 -45.27 -18.45
N SER A 525 -0.06 -46.12 -18.87
CA SER A 525 -0.08 -47.51 -18.48
C SER A 525 0.16 -48.39 -19.70
N VAL A 526 1.10 -49.31 -19.59
CA VAL A 526 1.39 -50.27 -20.65
C VAL A 526 2.01 -51.50 -20.00
N GLN A 527 1.76 -52.66 -20.60
CA GLN A 527 2.31 -53.89 -20.07
C GLN A 527 3.66 -54.18 -20.74
N MET A 528 4.46 -54.98 -20.05
CA MET A 528 5.89 -55.06 -20.32
C MET A 528 6.17 -55.62 -21.71
N PHE A 529 7.34 -55.27 -22.23
CA PHE A 529 7.83 -55.73 -23.52
C PHE A 529 9.32 -55.98 -23.42
N ARG A 530 9.87 -56.66 -24.43
CA ARG A 530 11.30 -56.88 -24.55
C ARG A 530 11.73 -56.57 -25.98
N PHE A 531 12.85 -55.86 -26.11
CA PHE A 531 13.41 -55.64 -27.44
C PHE A 531 13.86 -56.95 -28.06
N ALA A 532 13.70 -57.06 -29.37
CA ALA A 532 14.09 -58.26 -30.09
C ALA A 532 15.57 -58.23 -30.38
N GLY A 533 16.29 -59.27 -29.97
CA GLY A 533 17.70 -59.38 -30.22
C GLY A 533 18.50 -59.78 -29.00
N ASN A 534 19.76 -59.35 -28.93
CA ASN A 534 20.60 -59.58 -27.77
C ASN A 534 20.35 -58.58 -26.65
N TYR A 535 19.46 -57.62 -26.86
CA TYR A 535 19.21 -56.56 -25.89
C TYR A 535 18.46 -57.14 -24.70
N ASP A 536 19.11 -57.13 -23.52
CA ASP A 536 18.51 -57.64 -22.30
C ASP A 536 17.83 -56.55 -21.50
N LEU A 537 18.43 -55.37 -21.42
CA LEU A 537 17.92 -54.27 -20.62
C LEU A 537 17.10 -53.33 -21.50
N VAL A 538 16.03 -52.78 -20.92
CA VAL A 538 15.19 -51.80 -21.57
C VAL A 538 15.08 -50.57 -20.68
N TYR A 539 15.25 -49.40 -21.28
CA TYR A 539 15.13 -48.12 -20.59
C TYR A 539 13.89 -47.40 -21.07
N LEU A 540 13.51 -46.36 -20.33
CA LEU A 540 12.36 -45.52 -20.67
C LEU A 540 12.79 -44.06 -20.68
N HIS A 541 12.47 -43.38 -21.77
CA HIS A 541 12.72 -41.95 -21.92
C HIS A 541 11.44 -41.28 -22.37
N CYS A 542 11.32 -39.99 -22.07
CA CYS A 542 10.16 -39.22 -22.49
C CYS A 542 10.57 -37.79 -22.77
N GLU A 543 9.81 -37.14 -23.63
CA GLU A 543 9.88 -35.69 -23.83
C GLU A 543 8.53 -35.11 -23.46
N VAL A 544 8.54 -33.92 -22.90
CA VAL A 544 7.34 -33.34 -22.31
C VAL A 544 7.32 -31.84 -22.56
N TYR A 545 6.12 -31.31 -22.81
CA TYR A 545 5.91 -29.90 -23.07
C TYR A 545 4.96 -29.35 -22.02
N LEU A 546 5.40 -28.34 -21.29
CA LEU A 546 4.54 -27.68 -20.32
C LEU A 546 3.57 -26.75 -21.05
N CYS A 547 2.29 -26.87 -20.73
CA CYS A 547 1.22 -26.22 -21.47
C CYS A 547 0.54 -25.19 -20.58
N ASP A 548 0.37 -23.99 -21.11
CA ASP A 548 -0.28 -22.91 -20.38
C ASP A 548 -1.79 -23.01 -20.57
N THR A 549 -2.51 -23.17 -19.46
CA THR A 549 -3.96 -23.34 -19.53
C THR A 549 -4.68 -22.08 -19.96
N MET A 550 -4.03 -20.92 -19.86
CA MET A 550 -4.69 -19.66 -20.21
C MET A 550 -5.07 -19.62 -21.68
N ASN A 551 -4.18 -20.11 -22.55
CA ASN A 551 -4.35 -19.98 -23.99
C ASN A 551 -4.65 -21.31 -24.66
N GLU A 552 -3.79 -22.31 -24.48
CA GLU A 552 -4.00 -23.60 -25.11
C GLU A 552 -4.98 -24.46 -24.31
N LYS A 553 -5.80 -25.23 -25.03
CA LYS A 553 -6.70 -26.16 -24.36
C LYS A 553 -5.92 -27.23 -23.62
N CYS A 554 -4.80 -27.67 -24.19
CA CYS A 554 -3.91 -28.63 -23.53
C CYS A 554 -4.59 -29.96 -23.26
N LYS A 555 -5.58 -30.31 -24.09
CA LYS A 555 -6.26 -31.59 -24.01
C LYS A 555 -6.28 -32.18 -25.41
N PRO A 556 -5.17 -32.79 -25.86
CA PRO A 556 -5.08 -33.24 -27.24
C PRO A 556 -6.12 -34.29 -27.56
N THR A 557 -6.63 -34.25 -28.79
CA THR A 557 -7.60 -35.21 -29.29
C THR A 557 -7.19 -35.62 -30.69
N CYS A 558 -7.35 -36.91 -31.00
CA CYS A 558 -6.83 -37.45 -32.25
C CYS A 558 -7.61 -38.72 -32.60
N SER A 559 -7.38 -39.20 -33.81
CA SER A 559 -8.00 -40.41 -34.32
C SER A 559 -7.02 -41.07 -35.28
N GLY A 560 -7.53 -41.98 -36.11
CA GLY A 560 -6.67 -42.65 -37.08
C GLY A 560 -5.97 -41.67 -37.99
N THR A 561 -4.95 -42.18 -38.67
CA THR A 561 -4.07 -41.38 -39.50
C THR A 561 -4.59 -41.34 -40.95
N ARG A 562 -3.74 -40.90 -41.88
CA ARG A 562 -4.15 -40.63 -43.26
C ARG A 562 -4.92 -41.80 -43.87
N PHE A 563 -4.42 -43.02 -43.72
CA PHE A 563 -4.93 -44.19 -44.45
C PHE A 563 -4.79 -43.99 -45.96
N SER B 420 -38.62 33.39 37.74
CA SER B 420 -38.51 31.98 37.36
C SER B 420 -37.97 31.85 35.94
N ALA B 421 -37.03 30.94 35.75
CA ALA B 421 -36.38 30.76 34.46
C ALA B 421 -36.22 29.27 34.16
N LEU B 422 -36.33 28.93 32.88
CA LEU B 422 -36.12 27.57 32.40
C LEU B 422 -34.79 27.51 31.67
N ASN B 423 -33.95 26.55 32.07
CA ASN B 423 -32.65 26.35 31.46
C ASN B 423 -32.63 25.00 30.76
N ILE B 424 -32.28 25.01 29.48
CA ILE B 424 -32.14 23.80 28.69
C ILE B 424 -30.76 23.81 28.05
N ARG B 425 -30.02 22.72 28.22
CA ARG B 425 -28.66 22.63 27.71
C ARG B 425 -28.66 22.23 26.25
N VAL B 426 -27.77 22.85 25.47
CA VAL B 426 -27.61 22.51 24.06
C VAL B 426 -26.12 22.51 23.75
N GLY B 427 -25.69 21.51 22.97
CA GLY B 427 -24.30 21.38 22.61
C GLY B 427 -24.17 21.09 21.12
N GLY B 428 -23.09 21.59 20.54
CA GLY B 428 -22.84 21.45 19.13
C GLY B 428 -21.41 21.13 18.80
N THR B 429 -21.18 20.03 18.09
CA THR B 429 -19.84 19.65 17.68
C THR B 429 -19.42 20.49 16.48
N GLY B 430 -18.22 21.07 16.55
CA GLY B 430 -17.74 21.94 15.51
C GLY B 430 -16.39 21.52 14.98
N MET B 431 -15.79 22.35 14.14
CA MET B 431 -14.50 22.02 13.53
C MET B 431 -13.89 23.29 12.98
N PHE B 432 -12.65 23.56 13.37
CA PHE B 432 -11.91 24.65 12.76
C PHE B 432 -11.51 24.26 11.33
N THR B 433 -11.04 25.26 10.59
CA THR B 433 -10.55 25.07 9.23
C THR B 433 -9.04 25.20 9.23
N VAL B 434 -8.36 24.22 8.64
CA VAL B 434 -6.90 24.21 8.58
C VAL B 434 -6.51 23.75 7.19
N ARG B 435 -5.49 24.39 6.64
CA ARG B 435 -4.97 24.05 5.32
C ARG B 435 -3.50 24.39 5.27
N MET B 436 -2.81 23.76 4.33
CA MET B 436 -1.40 24.03 4.09
C MET B 436 -1.18 24.24 2.60
N ALA B 437 -0.12 24.96 2.27
CA ALA B 437 0.16 25.34 0.90
C ALA B 437 1.60 25.04 0.57
N LEU B 438 1.85 24.76 -0.71
CA LEU B 438 3.18 24.51 -1.23
C LEU B 438 3.64 25.75 -1.99
N PHE B 439 4.59 26.48 -1.41
CA PHE B 439 5.17 27.64 -2.06
C PHE B 439 6.41 27.23 -2.85
N GLN B 440 6.73 28.03 -3.87
CA GLN B 440 7.89 27.80 -4.70
C GLN B 440 9.12 28.53 -4.16
N THR B 441 8.96 29.81 -3.86
CA THR B 441 10.08 30.67 -3.49
C THR B 441 10.43 30.50 -2.02
N PRO B 442 11.66 30.87 -1.63
CA PRO B 442 11.97 30.94 -0.20
C PRO B 442 11.19 32.02 0.53
N SER B 443 10.58 32.95 -0.19
CA SER B 443 9.78 34.01 0.39
C SER B 443 8.32 33.60 0.64
N TYR B 444 7.93 32.40 0.24
CA TYR B 444 6.59 31.88 0.51
C TYR B 444 5.51 32.79 -0.08
N THR B 445 5.50 32.86 -1.42
CA THR B 445 4.71 33.84 -2.14
C THR B 445 3.52 33.23 -2.87
N GLN B 446 3.73 32.29 -3.79
CA GLN B 446 2.65 31.76 -4.62
C GLN B 446 2.33 30.32 -4.23
N PRO B 447 1.10 30.02 -3.82
CA PRO B 447 0.70 28.61 -3.70
C PRO B 447 0.48 27.98 -5.07
N TYR B 448 0.55 26.66 -5.09
CA TYR B 448 0.15 25.90 -6.26
C TYR B 448 -1.37 25.73 -6.30
N GLN B 449 -1.87 25.32 -7.46
CA GLN B 449 -3.29 25.02 -7.64
C GLN B 449 -3.53 23.70 -8.34
N GLY B 450 -2.58 23.16 -9.09
CA GLY B 450 -2.79 21.90 -9.76
C GLY B 450 -2.86 20.74 -8.80
N SER B 451 -3.55 19.67 -9.24
CA SER B 451 -3.67 18.48 -8.44
C SER B 451 -2.34 17.76 -8.25
N SER B 452 -1.36 18.04 -9.11
CA SER B 452 -0.06 17.39 -9.01
C SER B 452 1.01 18.33 -9.53
N VAL B 453 2.25 18.08 -9.13
CA VAL B 453 3.40 18.87 -9.53
C VAL B 453 4.55 17.93 -9.86
N THR B 454 5.53 18.47 -10.58
CA THR B 454 6.74 17.76 -10.93
C THR B 454 7.94 18.55 -10.42
N LEU B 455 8.95 17.85 -9.90
CA LEU B 455 10.10 18.50 -9.30
C LEU B 455 11.31 17.60 -9.45
N SER B 456 12.48 18.18 -9.17
CA SER B 456 13.75 17.48 -9.15
C SER B 456 14.28 17.42 -7.72
N THR B 457 15.25 16.53 -7.51
CA THR B 457 15.80 16.34 -6.17
C THR B 457 16.47 17.61 -5.66
N GLU B 458 17.24 18.27 -6.53
CA GLU B 458 17.95 19.48 -6.11
C GLU B 458 17.01 20.62 -5.75
N ALA B 459 15.77 20.58 -6.25
CA ALA B 459 14.81 21.63 -5.95
C ALA B 459 14.45 21.61 -4.46
N PHE B 460 14.31 22.79 -3.88
CA PHE B 460 13.97 22.93 -2.47
C PHE B 460 12.46 23.04 -2.33
N LEU B 461 11.88 22.20 -1.48
CA LEU B 461 10.44 22.13 -1.27
C LEU B 461 10.10 22.97 -0.05
N TYR B 462 9.57 24.17 -0.29
CA TYR B 462 9.16 25.07 0.77
C TYR B 462 7.65 24.94 0.98
N VAL B 463 7.24 24.69 2.21
CA VAL B 463 5.84 24.45 2.54
C VAL B 463 5.49 25.27 3.77
N GLY B 464 4.22 25.70 3.83
CA GLY B 464 3.73 26.44 4.97
C GLY B 464 2.30 26.03 5.29
N THR B 465 1.92 26.29 6.54
CA THR B 465 0.59 25.97 7.04
C THR B 465 -0.09 27.26 7.49
N MET B 466 -1.42 27.26 7.38
CA MET B 466 -2.20 28.44 7.68
C MET B 466 -3.53 28.02 8.28
N LEU B 467 -4.14 28.95 9.01
CA LEU B 467 -5.52 28.82 9.47
C LEU B 467 -6.37 29.74 8.62
N ASP B 468 -7.28 29.16 7.84
CA ASP B 468 -8.20 29.97 7.07
C ASP B 468 -9.29 30.61 7.92
N GLY B 469 -9.38 30.23 9.19
CA GLY B 469 -10.34 30.84 10.09
C GLY B 469 -9.90 30.69 11.53
N GLY B 470 -10.56 31.45 12.40
CA GLY B 470 -10.23 31.41 13.81
C GLY B 470 -8.82 31.88 14.10
N ASP B 471 -8.39 32.97 13.47
CA ASP B 471 -7.02 33.47 13.63
C ASP B 471 -6.87 34.24 14.94
N LEU B 472 -7.13 33.53 16.04
CA LEU B 472 -6.96 34.13 17.35
C LEU B 472 -5.49 34.43 17.61
N SER B 473 -5.23 35.57 18.24
CA SER B 473 -3.85 35.98 18.49
C SER B 473 -3.17 35.06 19.49
N ARG B 474 -3.93 34.48 20.42
CA ARG B 474 -3.36 33.64 21.46
C ARG B 474 -3.26 32.18 21.09
N PHE B 475 -3.86 31.76 19.98
CA PHE B 475 -3.71 30.41 19.47
C PHE B 475 -2.53 30.38 18.50
N ALA B 476 -1.50 29.63 18.85
CA ALA B 476 -0.30 29.49 18.04
C ALA B 476 -0.27 28.11 17.38
N LEU B 477 0.47 28.03 16.29
CA LEU B 477 0.55 26.81 15.49
C LEU B 477 1.82 26.07 15.84
N LEU B 478 1.68 24.84 16.35
CA LEU B 478 2.81 24.03 16.79
C LEU B 478 2.76 22.70 16.05
N MET B 479 3.84 22.40 15.33
CA MET B 479 3.96 21.16 14.55
C MET B 479 4.33 20.03 15.48
N THR B 480 3.32 19.30 15.97
CA THR B 480 3.60 18.18 16.86
C THR B 480 4.37 17.09 16.14
N ASN B 481 4.05 16.85 14.87
CA ASN B 481 4.81 15.94 14.03
C ASN B 481 4.31 16.07 12.59
N CYS B 482 5.25 15.97 11.63
CA CYS B 482 4.94 15.97 10.22
C CYS B 482 5.61 14.77 9.57
N TYR B 483 5.00 14.24 8.52
CA TYR B 483 5.56 13.09 7.84
C TYR B 483 5.07 13.04 6.40
N ALA B 484 5.81 12.32 5.58
CA ALA B 484 5.49 12.08 4.18
C ALA B 484 5.01 10.64 4.01
N THR B 485 4.16 10.42 3.01
CA THR B 485 3.59 9.10 2.76
C THR B 485 3.54 8.85 1.26
N PRO B 486 3.82 7.62 0.80
CA PRO B 486 3.76 7.38 -0.65
C PRO B 486 2.37 7.50 -1.23
N SER B 487 1.33 7.40 -0.40
CA SER B 487 -0.06 7.39 -0.84
C SER B 487 -0.86 8.39 -0.02
N SER B 488 -2.04 8.75 -0.56
CA SER B 488 -2.89 9.71 0.13
C SER B 488 -3.33 9.20 1.49
N ASN B 489 -3.47 7.90 1.66
CA ASN B 489 -3.93 7.34 2.92
C ASN B 489 -2.91 7.58 4.01
N ALA B 490 -3.30 8.34 5.04
CA ALA B 490 -2.38 8.70 6.10
C ALA B 490 -1.91 7.47 6.88
N THR B 491 -2.81 6.54 7.17
CA THR B 491 -2.48 5.36 7.95
C THR B 491 -1.73 4.37 7.06
N ASP B 492 -0.45 4.63 6.88
CA ASP B 492 0.44 3.78 6.11
C ASP B 492 1.69 3.52 6.95
N PRO B 493 2.15 2.26 7.04
CA PRO B 493 3.34 2.00 7.87
C PRO B 493 4.58 2.74 7.41
N LEU B 494 4.71 3.01 6.12
CA LEU B 494 5.92 3.60 5.56
C LEU B 494 5.83 5.12 5.72
N LYS B 495 6.37 5.61 6.83
CA LYS B 495 6.36 7.03 7.16
C LYS B 495 7.79 7.53 7.30
N TYR B 496 8.05 8.70 6.73
CA TYR B 496 9.34 9.38 6.84
C TYR B 496 9.10 10.66 7.64
N PHE B 497 9.22 10.55 8.96
CA PHE B 497 9.00 11.70 9.82
C PHE B 497 9.99 12.80 9.49
N ILE B 498 9.46 13.97 9.13
CA ILE B 498 10.28 15.13 8.81
C ILE B 498 10.40 15.99 10.07
N ILE B 499 9.34 15.98 10.87
CA ILE B 499 9.33 16.65 12.17
C ILE B 499 8.85 15.63 13.19
N GLN B 500 9.67 15.39 14.22
CA GLN B 500 9.42 14.34 15.20
C GLN B 500 9.17 14.96 16.55
N ASP B 501 7.94 14.85 17.04
CA ASP B 501 7.55 15.29 18.37
C ASP B 501 8.04 16.71 18.66
N ARG B 502 7.51 17.65 17.88
CA ARG B 502 7.71 19.09 18.07
C ARG B 502 9.10 19.57 17.67
N CYS B 503 9.94 18.71 17.11
CA CYS B 503 11.28 19.13 16.70
C CYS B 503 11.62 18.51 15.36
N PRO B 504 12.45 19.19 14.57
CA PRO B 504 12.83 18.65 13.26
C PRO B 504 13.74 17.43 13.40
N HIS B 505 13.69 16.56 12.40
CA HIS B 505 14.56 15.39 12.39
C HIS B 505 16.00 15.81 12.16
N THR B 506 16.90 15.29 12.98
CA THR B 506 18.32 15.61 12.86
C THR B 506 18.94 14.73 11.78
N ARG B 507 20.27 14.76 11.69
CA ARG B 507 21.02 13.99 10.70
C ARG B 507 20.63 14.35 9.27
N ASP B 508 20.04 15.53 9.07
CA ASP B 508 19.67 15.99 7.73
C ASP B 508 19.72 17.51 7.77
N SER B 509 20.84 18.07 7.30
CA SER B 509 21.03 19.52 7.35
C SER B 509 19.98 20.27 6.54
N THR B 510 19.40 19.63 5.52
CA THR B 510 18.45 20.31 4.65
C THR B 510 17.12 20.61 5.35
N ILE B 511 16.89 20.08 6.54
CA ILE B 511 15.64 20.31 7.26
C ILE B 511 15.84 21.55 8.13
N GLN B 512 15.16 22.63 7.77
CA GLN B 512 15.21 23.86 8.55
C GLN B 512 13.81 24.46 8.60
N VAL B 513 13.39 24.90 9.79
CA VAL B 513 12.10 25.52 9.99
C VAL B 513 12.36 26.95 10.49
N VAL B 514 11.86 27.94 9.76
CA VAL B 514 12.08 29.32 10.13
C VAL B 514 11.19 29.72 11.31
N GLU B 515 9.92 29.30 11.29
CA GLU B 515 8.97 29.70 12.32
C GLU B 515 8.08 28.52 12.68
N ASN B 516 7.83 28.36 13.98
CA ASN B 516 6.93 27.32 14.47
C ASN B 516 6.54 27.69 15.89
N GLY B 517 5.25 27.92 16.11
CA GLY B 517 4.75 28.35 17.40
C GLY B 517 4.73 29.85 17.61
N GLU B 518 5.46 30.61 16.78
CA GLU B 518 5.44 32.06 16.92
C GLU B 518 4.08 32.64 16.58
N SER B 519 3.46 32.15 15.52
CA SER B 519 2.19 32.70 15.04
C SER B 519 1.48 31.65 14.20
N SER B 520 0.42 32.08 13.52
CA SER B 520 -0.39 31.19 12.68
C SER B 520 0.34 30.71 11.44
N GLN B 521 1.47 31.33 11.08
CA GLN B 521 2.19 30.99 9.86
C GLN B 521 3.34 30.06 10.22
N GLY B 522 3.13 28.76 10.01
CA GLY B 522 4.16 27.77 10.24
C GLY B 522 4.73 27.24 8.94
N ARG B 523 6.04 27.42 8.75
CA ARG B 523 6.71 27.04 7.51
C ARG B 523 7.87 26.12 7.84
N PHE B 524 7.99 25.04 7.09
CA PHE B 524 9.14 24.13 7.16
C PHE B 524 9.74 23.99 5.77
N SER B 525 11.06 24.04 5.70
CA SER B 525 11.80 24.00 4.45
C SER B 525 12.63 22.72 4.40
N VAL B 526 12.50 21.98 3.30
CA VAL B 526 13.28 20.77 3.07
C VAL B 526 13.36 20.56 1.57
N GLN B 527 14.46 19.97 1.13
CA GLN B 527 14.65 19.71 -0.29
C GLN B 527 14.14 18.31 -0.63
N MET B 528 13.82 18.13 -1.91
CA MET B 528 12.97 17.03 -2.32
C MET B 528 13.63 15.68 -2.07
N PHE B 529 12.79 14.65 -1.96
CA PHE B 529 13.21 13.28 -1.75
C PHE B 529 12.29 12.36 -2.54
N ARG B 530 12.69 11.11 -2.68
CA ARG B 530 11.88 10.07 -3.30
C ARG B 530 11.92 8.82 -2.44
N PHE B 531 10.75 8.21 -2.24
CA PHE B 531 10.71 6.93 -1.54
C PHE B 531 11.44 5.87 -2.34
N ALA B 532 12.09 4.96 -1.63
CA ALA B 532 12.84 3.89 -2.27
C ALA B 532 11.89 2.74 -2.63
N GLY B 533 11.88 2.35 -3.89
CA GLY B 533 11.06 1.25 -4.35
C GLY B 533 10.30 1.57 -5.62
N ASN B 534 9.13 0.95 -5.79
CA ASN B 534 8.26 1.24 -6.92
C ASN B 534 7.41 2.48 -6.70
N TYR B 535 7.52 3.13 -5.54
CA TYR B 535 6.68 4.27 -5.21
C TYR B 535 7.12 5.47 -6.04
N ASP B 536 6.22 5.95 -6.91
CA ASP B 536 6.51 7.10 -7.77
C ASP B 536 6.01 8.40 -7.14
N LEU B 537 4.83 8.37 -6.54
CA LEU B 537 4.22 9.56 -5.96
C LEU B 537 4.54 9.66 -4.48
N VAL B 538 4.72 10.88 -4.00
CA VAL B 538 4.96 11.17 -2.59
C VAL B 538 3.94 12.21 -2.13
N TYR B 539 3.32 11.95 -0.98
CA TYR B 539 2.36 12.86 -0.37
C TYR B 539 2.96 13.46 0.89
N LEU B 540 2.30 14.51 1.38
CA LEU B 540 2.72 15.17 2.61
C LEU B 540 1.53 15.27 3.56
N HIS B 541 1.73 14.85 4.79
CA HIS B 541 0.74 14.93 5.84
C HIS B 541 1.39 15.56 7.07
N CYS B 542 0.56 16.17 7.91
CA CYS B 542 1.05 16.78 9.14
C CYS B 542 -0.03 16.68 10.21
N GLU B 543 0.42 16.68 11.46
CA GLU B 543 -0.44 16.84 12.62
C GLU B 543 0.01 18.11 13.34
N VAL B 544 -0.94 18.82 13.92
CA VAL B 544 -0.68 20.14 14.45
C VAL B 544 -1.50 20.35 15.73
N TYR B 545 -0.90 21.05 16.69
CA TYR B 545 -1.52 21.33 17.97
C TYR B 545 -1.58 22.84 18.14
N LEU B 546 -2.79 23.37 18.33
CA LEU B 546 -2.95 24.79 18.59
C LEU B 546 -2.58 25.08 20.04
N CYS B 547 -1.73 26.08 20.24
CA CYS B 547 -1.11 26.35 21.53
C CYS B 547 -1.60 27.69 22.05
N ASP B 548 -2.03 27.72 23.31
CA ASP B 548 -2.52 28.93 23.95
C ASP B 548 -1.33 29.70 24.52
N THR B 549 -1.13 30.92 24.05
CA THR B 549 0.00 31.73 24.49
C THR B 549 -0.12 32.18 25.94
N MET B 550 -1.32 32.14 26.52
CA MET B 550 -1.50 32.61 27.88
C MET B 550 -0.73 31.75 28.88
N ASN B 551 -0.72 30.44 28.68
CA ASN B 551 -0.16 29.51 29.63
C ASN B 551 1.13 28.85 29.12
N GLU B 552 1.07 28.20 27.95
CA GLU B 552 2.25 27.53 27.43
C GLU B 552 3.16 28.52 26.69
N LYS B 553 4.47 28.30 26.83
CA LYS B 553 5.42 29.11 26.09
C LYS B 553 5.27 28.91 24.58
N CYS B 554 4.97 27.69 24.16
CA CYS B 554 4.69 27.39 22.76
C CYS B 554 5.89 27.67 21.86
N LYS B 555 7.10 27.58 22.42
CA LYS B 555 8.34 27.73 21.67
C LYS B 555 9.23 26.54 22.02
N PRO B 556 8.99 25.39 21.41
CA PRO B 556 9.72 24.18 21.81
C PRO B 556 11.22 24.32 21.58
N THR B 557 11.99 23.73 22.49
CA THR B 557 13.45 23.71 22.40
C THR B 557 13.94 22.31 22.72
N CYS B 558 14.95 21.85 22.00
CA CYS B 558 15.38 20.46 22.09
C CYS B 558 16.83 20.37 21.63
N SER B 559 17.41 19.19 21.86
CA SER B 559 18.78 18.90 21.47
C SER B 559 18.87 17.41 21.16
N GLY B 560 20.08 16.87 21.12
CA GLY B 560 20.25 15.46 20.86
C GLY B 560 19.49 14.59 21.83
N THR B 561 19.35 13.32 21.46
CA THR B 561 18.54 12.36 22.20
C THR B 561 19.42 11.63 23.22
N ARG B 562 18.91 10.52 23.75
CA ARG B 562 19.54 9.81 24.87
C ARG B 562 21.02 9.54 24.63
N PHE B 563 21.36 9.03 23.45
CA PHE B 563 22.70 8.51 23.17
C PHE B 563 23.04 7.35 24.11
N SER C 268 40.48 -7.17 22.48
CA SER C 268 40.81 -8.57 22.24
C SER C 268 39.73 -9.50 22.79
N VAL C 269 38.48 -9.22 22.43
CA VAL C 269 37.37 -10.04 22.89
C VAL C 269 37.52 -11.47 22.39
N GLU C 270 37.84 -11.62 21.10
CA GLU C 270 38.14 -12.92 20.51
C GLU C 270 39.64 -13.03 20.29
N GLY C 271 40.21 -14.16 20.73
CA GLY C 271 41.66 -14.29 20.73
C GLY C 271 42.27 -14.32 19.33
N THR C 272 41.61 -14.98 18.39
CA THR C 272 42.17 -15.20 17.06
C THR C 272 41.22 -14.77 15.94
N CYS C 273 41.58 -15.14 14.71
CA CYS C 273 40.94 -14.64 13.50
C CYS C 273 39.63 -15.34 13.15
N GLU C 274 39.40 -16.57 13.62
CA GLU C 274 38.33 -17.39 13.08
C GLU C 274 36.96 -16.76 13.18
N GLU C 275 36.77 -15.80 14.09
CA GLU C 275 35.45 -15.18 14.25
C GLU C 275 35.00 -14.46 12.99
N CYS C 276 35.92 -13.77 12.31
CA CYS C 276 35.55 -12.96 11.15
C CYS C 276 35.56 -13.80 9.88
N SER C 277 34.88 -13.29 8.85
CA SER C 277 34.67 -14.04 7.61
C SER C 277 35.99 -14.35 6.92
N ILE C 278 36.00 -15.46 6.18
CA ILE C 278 37.19 -15.85 5.43
C ILE C 278 37.49 -14.80 4.37
N ASP C 279 36.46 -14.32 3.69
CA ASP C 279 36.65 -13.28 2.67
C ASP C 279 37.15 -11.99 3.31
N GLU C 280 36.63 -11.66 4.48
CA GLU C 280 37.02 -10.45 5.20
C GLU C 280 38.36 -10.70 5.89
N ASP C 281 39.42 -10.13 5.34
CA ASP C 281 40.76 -10.36 5.88
C ASP C 281 40.87 -9.78 7.28
N CYS C 282 41.54 -10.51 8.16
CA CYS C 282 41.68 -10.14 9.57
C CYS C 282 43.06 -9.56 9.84
N LYS C 283 43.09 -8.33 10.34
CA LYS C 283 44.33 -7.65 10.70
C LYS C 283 44.64 -7.97 12.16
N SER C 284 45.61 -8.85 12.38
CA SER C 284 46.03 -9.22 13.73
C SER C 284 47.28 -8.41 14.06
N ASN C 285 47.23 -7.68 15.17
CA ASN C 285 48.34 -6.86 15.58
C ASN C 285 48.32 -6.68 17.09
N ASN C 286 49.48 -6.38 17.66
CA ASN C 286 49.58 -6.11 19.08
C ASN C 286 49.00 -4.72 19.34
N GLY C 287 48.00 -4.66 20.21
CA GLY C 287 47.30 -3.42 20.51
C GLY C 287 46.34 -2.96 19.43
N ARG C 288 46.12 -3.74 18.37
CA ARG C 288 45.20 -3.38 17.29
C ARG C 288 44.60 -4.65 16.72
N TRP C 289 43.27 -4.68 16.59
CA TRP C 289 42.58 -5.83 16.04
C TRP C 289 41.34 -5.38 15.29
N HIS C 290 41.15 -5.93 14.09
CA HIS C 290 39.96 -5.73 13.28
C HIS C 290 40.13 -6.55 12.02
N CYS C 291 39.05 -6.70 11.26
CA CYS C 291 39.09 -7.34 9.96
C CYS C 291 38.48 -6.39 8.94
N GLN C 292 39.18 -6.21 7.83
CA GLN C 292 38.83 -5.22 6.82
C GLN C 292 39.04 -5.82 5.43
N CYS C 293 38.34 -5.26 4.45
CA CYS C 293 38.43 -5.76 3.09
C CYS C 293 39.81 -5.46 2.52
N LYS C 294 40.01 -5.85 1.26
CA LYS C 294 41.29 -5.71 0.58
C LYS C 294 41.01 -5.18 -0.82
N GLN C 295 42.04 -5.19 -1.68
CA GLN C 295 41.87 -4.77 -3.06
C GLN C 295 40.84 -5.63 -3.80
N ASP C 296 40.56 -6.83 -3.32
CA ASP C 296 39.62 -7.71 -4.01
C ASP C 296 38.25 -7.06 -4.13
N PHE C 297 37.75 -6.47 -3.04
CA PHE C 297 36.48 -5.76 -3.02
C PHE C 297 36.76 -4.34 -2.53
N ASN C 298 37.18 -3.48 -3.45
CA ASN C 298 37.71 -2.16 -3.10
C ASN C 298 37.14 -1.02 -3.91
N ILE C 299 36.88 -1.24 -5.20
CA ILE C 299 36.62 -0.15 -6.13
C ILE C 299 35.14 0.17 -6.16
N THR C 300 34.81 1.35 -6.71
CA THR C 300 33.44 1.86 -6.73
C THR C 300 32.70 1.49 -8.02
N ASP C 301 33.24 1.91 -9.17
CA ASP C 301 32.52 1.76 -10.43
C ASP C 301 32.29 0.29 -10.77
N ILE C 302 33.34 -0.51 -10.74
CA ILE C 302 33.18 -1.93 -11.05
C ILE C 302 32.30 -2.59 -10.00
N SER C 303 32.39 -2.14 -8.74
CA SER C 303 31.49 -2.63 -7.71
C SER C 303 30.03 -2.32 -8.07
N LEU C 304 29.78 -1.11 -8.59
CA LEU C 304 28.46 -0.84 -9.14
C LEU C 304 28.13 -1.78 -10.28
N LEU C 305 29.14 -2.22 -11.03
CA LEU C 305 28.95 -3.26 -12.03
C LEU C 305 29.00 -4.66 -11.44
N GLU C 306 29.36 -4.81 -10.17
CA GLU C 306 29.50 -6.12 -9.57
C GLU C 306 28.15 -6.64 -9.07
N HIS C 307 27.93 -7.93 -9.28
CA HIS C 307 26.72 -8.61 -8.80
C HIS C 307 26.85 -10.08 -9.17
N ARG C 308 25.88 -10.86 -8.71
CA ARG C 308 25.76 -12.25 -9.12
C ARG C 308 24.30 -12.66 -8.97
N LEU C 309 23.89 -13.63 -9.79
CA LEU C 309 22.51 -14.07 -9.86
C LEU C 309 22.45 -15.59 -9.80
N GLU C 310 21.34 -16.10 -9.29
CA GLU C 310 21.11 -17.54 -9.20
C GLU C 310 19.64 -17.81 -9.49
N CYS C 311 19.37 -18.60 -10.52
CA CYS C 311 18.02 -19.01 -10.89
C CYS C 311 17.77 -20.40 -10.33
N GLY C 312 16.80 -20.50 -9.41
CA GLY C 312 16.46 -21.76 -8.80
C GLY C 312 15.23 -22.41 -9.46
N ALA C 313 14.99 -23.66 -9.06
CA ALA C 313 13.85 -24.39 -9.61
C ALA C 313 12.54 -23.72 -9.26
N ASN C 314 12.40 -23.27 -8.01
CA ASN C 314 11.19 -22.63 -7.53
C ASN C 314 11.41 -21.22 -7.00
N ASP C 315 12.65 -20.75 -6.97
CA ASP C 315 12.95 -19.43 -6.42
C ASP C 315 14.09 -18.80 -7.20
N MET C 316 14.14 -17.47 -7.16
CA MET C 316 15.18 -16.68 -7.80
C MET C 316 15.85 -15.83 -6.74
N LYS C 317 17.17 -15.74 -6.80
CA LYS C 317 17.95 -15.03 -5.81
C LYS C 317 18.90 -14.07 -6.49
N VAL C 318 19.02 -12.88 -5.91
CA VAL C 318 20.03 -11.90 -6.30
C VAL C 318 20.72 -11.44 -5.03
N SER C 319 22.03 -11.25 -5.11
CA SER C 319 22.83 -10.93 -3.94
C SER C 319 23.99 -10.02 -4.32
N LEU C 320 24.44 -9.22 -3.36
CA LEU C 320 25.59 -8.35 -3.52
C LEU C 320 26.51 -8.51 -2.32
N GLY C 321 27.80 -8.25 -2.54
CA GLY C 321 28.78 -8.39 -1.48
C GLY C 321 28.60 -7.31 -0.45
N LYS C 322 28.44 -7.70 0.83
CA LYS C 322 28.27 -6.71 1.89
C LYS C 322 29.47 -5.78 1.97
N CYS C 323 30.69 -6.33 1.75
CA CYS C 323 31.87 -5.47 1.75
C CYS C 323 31.80 -4.43 0.66
N GLN C 324 31.32 -4.82 -0.53
CA GLN C 324 31.19 -3.85 -1.62
C GLN C 324 30.23 -2.74 -1.23
N LEU C 325 29.09 -3.09 -0.62
CA LEU C 325 28.13 -2.09 -0.19
C LEU C 325 28.73 -1.16 0.85
N LYS C 326 29.47 -1.71 1.81
CA LYS C 326 30.11 -0.86 2.81
C LYS C 326 31.11 0.09 2.16
N SER C 327 31.88 -0.41 1.19
CA SER C 327 32.85 0.42 0.50
C SER C 327 32.18 1.51 -0.33
N LEU C 328 30.98 1.23 -0.84
CA LEU C 328 30.23 2.23 -1.60
C LEU C 328 29.53 3.26 -0.72
N GLY C 329 29.77 3.23 0.59
CA GLY C 329 29.18 4.18 1.51
C GLY C 329 27.84 3.77 2.07
N PHE C 330 27.28 2.66 1.61
CA PHE C 330 25.99 2.18 2.11
C PHE C 330 26.24 1.33 3.35
N ASP C 331 26.45 2.02 4.48
CA ASP C 331 26.64 1.31 5.74
C ASP C 331 25.41 0.48 6.08
N LYS C 332 24.22 1.03 5.87
CA LYS C 332 22.98 0.28 5.93
C LYS C 332 22.48 0.05 4.52
N VAL C 333 22.04 -1.18 4.25
CA VAL C 333 21.64 -1.60 2.91
C VAL C 333 20.13 -1.83 2.91
N PHE C 334 19.44 -1.19 1.98
CA PHE C 334 18.00 -1.32 1.81
C PHE C 334 17.73 -1.90 0.43
N MET C 335 17.24 -3.15 0.40
CA MET C 335 16.91 -3.84 -0.83
C MET C 335 15.41 -4.01 -0.89
N TYR C 336 14.80 -3.49 -1.96
CA TYR C 336 13.37 -3.58 -2.18
C TYR C 336 13.10 -4.03 -3.61
N LEU C 337 11.92 -4.60 -3.81
CA LEU C 337 11.48 -5.07 -5.11
C LEU C 337 10.24 -4.29 -5.53
N SER C 338 9.62 -4.73 -6.63
CA SER C 338 8.39 -4.09 -7.09
C SER C 338 7.29 -4.14 -6.05
N ASP C 339 7.35 -5.10 -5.13
CA ASP C 339 6.44 -5.17 -3.99
C ASP C 339 7.27 -5.05 -2.72
N SER C 340 6.92 -4.07 -1.87
CA SER C 340 7.74 -3.77 -0.71
C SER C 340 7.65 -4.84 0.37
N ARG C 341 6.66 -5.73 0.31
CA ARG C 341 6.58 -6.81 1.30
C ARG C 341 7.82 -7.68 1.25
N CYS C 342 8.47 -7.77 0.09
CA CYS C 342 9.73 -8.48 -0.03
C CYS C 342 10.87 -7.57 0.42
N SER C 343 11.70 -8.06 1.35
CA SER C 343 12.79 -7.28 1.91
C SER C 343 14.07 -8.12 1.92
N GLY C 344 15.20 -7.43 1.75
CA GLY C 344 16.48 -8.11 1.76
C GLY C 344 16.88 -8.56 3.15
N PHE C 345 17.83 -9.49 3.20
CA PHE C 345 18.34 -10.01 4.45
C PHE C 345 19.66 -10.71 4.20
N ASN C 346 20.34 -11.06 5.29
CA ASN C 346 21.68 -11.64 5.19
C ASN C 346 21.63 -13.02 4.52
N ASP C 347 22.75 -13.39 3.91
CA ASP C 347 22.82 -14.64 3.16
C ASP C 347 22.60 -15.85 4.08
N ARG C 348 23.26 -15.86 5.24
CA ARG C 348 23.13 -16.90 6.26
C ARG C 348 23.68 -18.25 5.80
N ASP C 349 24.27 -18.30 4.61
CA ASP C 349 25.02 -19.46 4.13
C ASP C 349 26.49 -19.14 3.96
N ASN C 350 26.81 -18.12 3.17
CA ASN C 350 28.14 -17.52 3.12
C ASN C 350 27.97 -16.05 3.49
N ARG C 351 28.52 -15.66 4.64
CA ARG C 351 28.19 -14.39 5.26
C ARG C 351 28.58 -13.18 4.43
N ASP C 352 29.44 -13.35 3.42
CA ASP C 352 29.86 -12.21 2.62
C ASP C 352 28.68 -11.58 1.88
N TRP C 353 27.79 -12.40 1.34
CA TRP C 353 26.70 -11.89 0.52
C TRP C 353 25.52 -11.43 1.39
N VAL C 354 24.69 -10.58 0.79
CA VAL C 354 23.35 -10.27 1.28
C VAL C 354 22.40 -10.47 0.12
N SER C 355 21.29 -11.17 0.35
CA SER C 355 20.46 -11.66 -0.73
C SER C 355 18.99 -11.62 -0.34
N VAL C 356 18.14 -11.69 -1.37
CA VAL C 356 16.69 -11.73 -1.20
C VAL C 356 16.15 -12.84 -2.11
N VAL C 357 14.95 -13.31 -1.78
CA VAL C 357 14.32 -14.43 -2.47
C VAL C 357 13.00 -13.97 -3.07
N THR C 358 12.61 -14.62 -4.17
CA THR C 358 11.34 -14.37 -4.83
C THR C 358 10.75 -15.69 -5.32
N PRO C 359 9.55 -16.09 -4.91
CA PRO C 359 8.96 -17.30 -5.50
C PRO C 359 8.77 -17.13 -7.00
N ALA C 360 9.00 -18.22 -7.73
CA ALA C 360 8.99 -18.19 -9.20
C ALA C 360 7.56 -18.41 -9.69
N ARG C 361 6.71 -17.42 -9.43
CA ARG C 361 5.33 -17.42 -9.89
C ARG C 361 4.92 -16.00 -10.23
N ASP C 362 3.69 -15.86 -10.74
CA ASP C 362 3.12 -14.57 -11.11
C ASP C 362 2.10 -14.15 -10.08
N GLY C 363 2.28 -12.94 -9.53
CA GLY C 363 1.38 -12.40 -8.54
C GLY C 363 2.02 -12.09 -7.20
N PRO C 364 2.85 -13.00 -6.68
CA PRO C 364 3.53 -12.70 -5.41
C PRO C 364 4.85 -11.97 -5.61
N CYS C 365 5.08 -10.97 -4.77
CA CYS C 365 6.29 -10.15 -4.82
C CYS C 365 6.37 -9.32 -6.09
N GLY C 366 5.26 -9.18 -6.81
CA GLY C 366 5.18 -8.34 -7.98
C GLY C 366 5.77 -8.93 -9.24
N THR C 367 6.15 -10.21 -9.22
CA THR C 367 6.76 -10.82 -10.39
C THR C 367 5.73 -11.05 -11.49
N VAL C 368 6.19 -10.99 -12.73
CA VAL C 368 5.34 -11.15 -13.91
C VAL C 368 5.83 -12.38 -14.67
N LEU C 369 5.03 -12.78 -15.66
CA LEU C 369 5.32 -13.94 -16.49
C LEU C 369 5.39 -13.49 -17.94
N THR C 370 6.59 -13.54 -18.52
CA THR C 370 6.80 -13.28 -19.94
C THR C 370 6.96 -14.61 -20.64
N ARG C 371 6.07 -14.91 -21.58
CA ARG C 371 6.00 -16.22 -22.21
C ARG C 371 6.05 -16.07 -23.72
N ASN C 372 6.79 -16.97 -24.37
CA ASN C 372 6.72 -17.13 -25.81
C ASN C 372 6.77 -18.62 -26.13
N GLU C 373 6.70 -18.93 -27.42
CA GLU C 373 6.58 -20.32 -27.85
C GLU C 373 7.76 -21.16 -27.40
N THR C 374 8.98 -20.61 -27.47
CA THR C 374 10.16 -21.39 -27.14
C THR C 374 10.20 -21.74 -25.65
N HIS C 375 10.21 -20.72 -24.79
CA HIS C 375 10.26 -20.98 -23.36
C HIS C 375 9.88 -19.73 -22.59
N ALA C 376 9.35 -19.93 -21.39
CA ALA C 376 8.87 -18.85 -20.54
C ALA C 376 10.04 -18.10 -19.92
N THR C 377 9.72 -16.95 -19.32
CA THR C 377 10.70 -16.12 -18.64
C THR C 377 10.02 -15.35 -17.53
N TYR C 378 10.74 -15.12 -16.44
CA TYR C 378 10.26 -14.34 -15.30
C TYR C 378 11.13 -13.11 -15.14
N SER C 379 10.49 -11.97 -14.95
CA SER C 379 11.17 -10.69 -14.84
C SER C 379 10.70 -9.98 -13.58
N ASN C 380 11.65 -9.38 -12.87
CA ASN C 380 11.33 -8.57 -11.71
C ASN C 380 12.49 -7.62 -11.47
N THR C 381 12.22 -6.57 -10.70
CA THR C 381 13.17 -5.48 -10.50
C THR C 381 13.60 -5.43 -9.05
N LEU C 382 14.87 -5.09 -8.84
CA LEU C 382 15.44 -4.91 -7.52
C LEU C 382 15.80 -3.44 -7.33
N TYR C 383 15.39 -2.88 -6.20
CA TYR C 383 15.65 -1.48 -5.88
C TYR C 383 16.69 -1.42 -4.77
N LEU C 384 17.67 -0.53 -4.93
CA LEU C 384 18.77 -0.39 -3.99
C LEU C 384 18.81 1.04 -3.48
N ALA C 385 19.08 1.19 -2.18
CA ALA C 385 19.22 2.51 -1.59
C ALA C 385 19.94 2.39 -0.26
N ASP C 386 20.46 3.52 0.21
CA ASP C 386 21.11 3.59 1.51
C ASP C 386 20.13 3.83 2.64
N GLU C 387 18.99 4.46 2.36
CA GLU C 387 18.00 4.80 3.36
C GLU C 387 16.62 4.71 2.70
N ILE C 388 15.59 5.09 3.46
CA ILE C 388 14.23 5.06 2.92
C ILE C 388 14.12 5.99 1.71
N ILE C 389 14.67 7.18 1.82
CA ILE C 389 14.59 8.18 0.77
C ILE C 389 15.79 8.03 -0.15
N ILE C 390 15.64 8.51 -1.38
CA ILE C 390 16.70 8.55 -2.37
C ILE C 390 16.92 10.01 -2.76
N ARG C 391 18.17 10.44 -2.72
CA ARG C 391 18.52 11.83 -2.96
C ARG C 391 19.18 12.07 -4.31
N ASP C 392 20.21 11.31 -4.65
CA ASP C 392 21.03 11.57 -5.83
C ASP C 392 20.80 10.54 -6.93
N LEU C 393 21.02 9.26 -6.63
CA LEU C 393 20.94 8.20 -7.63
C LEU C 393 19.96 7.12 -7.16
N ASN C 394 19.14 6.65 -8.09
CA ASN C 394 18.16 5.59 -7.84
C ASN C 394 18.47 4.46 -8.82
N ILE C 395 19.30 3.53 -8.40
CA ILE C 395 19.68 2.39 -9.23
C ILE C 395 18.70 1.25 -8.96
N LYS C 396 18.01 0.82 -10.00
CA LYS C 396 17.12 -0.33 -9.94
C LYS C 396 17.69 -1.43 -10.83
N ILE C 397 17.90 -2.60 -10.25
CA ILE C 397 18.50 -3.72 -10.97
C ILE C 397 17.37 -4.53 -11.60
N ASN C 398 17.32 -4.52 -12.93
CA ASN C 398 16.35 -5.32 -13.67
C ASN C 398 16.98 -6.66 -14.00
N PHE C 399 16.42 -7.73 -13.45
CA PHE C 399 16.92 -9.08 -13.65
C PHE C 399 15.77 -9.97 -14.09
N ALA C 400 16.13 -11.07 -14.76
CA ALA C 400 15.14 -12.03 -15.22
C ALA C 400 15.79 -13.39 -15.37
N CYS C 401 15.00 -14.43 -15.10
CA CYS C 401 15.44 -15.81 -15.26
C CYS C 401 14.64 -16.46 -16.39
N SER C 402 15.32 -17.23 -17.22
CA SER C 402 14.70 -17.95 -18.33
C SER C 402 14.64 -19.42 -17.98
N TYR C 403 13.42 -19.96 -17.96
CA TYR C 403 13.20 -21.37 -17.65
C TYR C 403 12.79 -22.11 -18.93
N PRO C 404 13.61 -23.05 -19.43
CA PRO C 404 13.21 -23.76 -20.66
C PRO C 404 11.88 -24.47 -20.49
N LEU C 405 11.08 -24.44 -21.55
CA LEU C 405 9.76 -25.06 -21.56
C LEU C 405 9.79 -26.47 -22.14
N ASP C 406 10.86 -26.84 -22.84
CA ASP C 406 11.06 -28.19 -23.33
C ASP C 406 12.41 -28.67 -22.84
N MET C 407 12.44 -29.87 -22.26
CA MET C 407 13.67 -30.40 -21.69
C MET C 407 13.64 -31.92 -21.76
N LYS C 408 14.83 -32.51 -21.68
CA LYS C 408 15.00 -33.95 -21.73
C LYS C 408 14.93 -34.51 -20.32
N VAL C 409 14.18 -35.60 -20.15
CA VAL C 409 14.07 -36.30 -18.88
C VAL C 409 14.30 -37.78 -19.14
N SER C 410 15.06 -38.42 -18.25
CA SER C 410 15.42 -39.82 -18.39
C SER C 410 15.10 -40.55 -17.09
N LEU C 411 14.42 -41.69 -17.23
CA LEU C 411 14.18 -42.56 -16.08
C LEU C 411 15.45 -43.30 -15.73
N LYS C 412 15.92 -43.15 -14.50
CA LYS C 412 17.23 -43.67 -14.12
C LYS C 412 17.22 -45.18 -13.97
N THR C 413 16.17 -45.72 -13.36
CA THR C 413 16.11 -47.14 -13.03
C THR C 413 15.82 -47.94 -14.29
N ALA C 414 16.79 -48.75 -14.72
CA ALA C 414 16.60 -49.61 -15.87
C ALA C 414 15.78 -50.84 -15.48
N LEU C 415 15.39 -51.62 -16.48
CA LEU C 415 14.53 -52.78 -16.29
C LEU C 415 15.20 -54.01 -16.89
N GLN C 416 14.88 -55.17 -16.31
CA GLN C 416 15.45 -56.45 -16.71
C GLN C 416 14.31 -57.46 -16.85
N PRO C 417 13.55 -57.39 -17.94
CA PRO C 417 12.38 -58.27 -18.09
C PRO C 417 12.79 -59.72 -18.27
N MET C 418 11.84 -60.60 -17.95
CA MET C 418 12.01 -62.05 -18.08
C MET C 418 11.07 -62.57 -19.16
N VAL C 419 11.57 -63.46 -20.01
CA VAL C 419 10.80 -64.03 -21.10
C VAL C 419 11.09 -65.52 -21.18
N SER C 420 10.09 -66.30 -21.56
CA SER C 420 10.26 -67.74 -21.75
C SER C 420 10.74 -68.00 -23.17
#